data_9O91
#
_entry.id   9O91
#
_cell.length_a   46.160
_cell.length_b   70.180
_cell.length_c   78.710
_cell.angle_alpha   90.00
_cell.angle_beta   90.01
_cell.angle_gamma   90.00
#
_symmetry.space_group_name_H-M   'P 1 21 1'
#
loop_
_entity.id
_entity.type
_entity.pdbx_description
1 polymer 'Protein cereblon'
2 polymer 'Zinc finger protein Helios'
3 non-polymer (3S)-3-[(5M)-1-oxo-5-{4-[(pyrrolidin-1-yl)methyl]-1H-pyrrolo[2,3-b]pyridin-6-yl}-1,3-dihydro-2H-isoindol-2-yl]piperidine-2,6-dione
4 non-polymer 'ZINC ION'
5 water water
#
loop_
_entity_poly.entity_id
_entity_poly.type
_entity_poly.pdbx_seq_one_letter_code
_entity_poly.pdbx_strand_id
1 'polypeptide(L)'
;GPSTSLSCKQCQETEITTKNEIFSLSLSGPMAAYVNPHGYVHETLTVYKASNLNLIGRPSTEHSWFPGYAWTVAQCKICA
SHIGWKFTATKKDMSPQKFWGLTRSALLPTI
;
A,C,E,G
2 'polypeptide(L)' GGERPFHCNQCGASFTQKGNLLRHIKLHSG B,D,F,H
#
# COMPACT_ATOMS: atom_id res chain seq x y z
N GLY A 1 -27.29 20.90 -10.61
CA GLY A 1 -27.62 19.58 -11.21
C GLY A 1 -28.35 18.70 -10.19
N PRO A 2 -28.74 17.46 -10.59
CA PRO A 2 -29.40 16.54 -9.67
C PRO A 2 -28.61 16.36 -8.37
N SER A 3 -29.31 16.42 -7.22
CA SER A 3 -28.63 16.36 -5.95
C SER A 3 -29.41 15.52 -4.93
N THR A 4 -30.37 14.70 -5.39
CA THR A 4 -31.20 13.96 -4.46
C THR A 4 -30.59 12.58 -4.20
N SER A 5 -31.22 11.84 -3.28
CA SER A 5 -30.52 10.73 -2.66
C SER A 5 -30.73 9.45 -3.46
N LEU A 6 -29.76 8.57 -3.32
CA LEU A 6 -29.89 7.18 -3.73
C LEU A 6 -29.90 6.37 -2.43
N SER A 7 -30.92 5.52 -2.29
CA SER A 7 -31.16 4.74 -1.08
C SER A 7 -31.03 3.24 -1.33
N CYS A 8 -30.86 2.48 -0.24
CA CYS A 8 -30.89 1.02 -0.28
C CYS A 8 -32.25 0.52 -0.75
N LYS A 9 -32.25 -0.19 -1.89
CA LYS A 9 -33.46 -0.70 -2.48
C LYS A 9 -34.12 -1.74 -1.58
N GLN A 10 -33.32 -2.55 -0.89
CA GLN A 10 -33.82 -3.70 -0.16
C GLN A 10 -34.57 -3.25 1.10
N CYS A 11 -33.97 -2.36 1.90
CA CYS A 11 -34.61 -1.96 3.14
C CYS A 11 -35.35 -0.62 3.01
N GLN A 12 -34.92 0.24 2.08
CA GLN A 12 -35.42 1.60 1.96
C GLN A 12 -35.39 2.39 3.27
N GLU A 13 -34.42 2.12 4.15
CA GLU A 13 -34.36 2.81 5.43
C GLU A 13 -33.08 3.65 5.55
N THR A 14 -32.26 3.71 4.49
CA THR A 14 -31.04 4.49 4.59
C THR A 14 -30.68 5.07 3.21
N GLU A 15 -30.25 6.34 3.25
CA GLU A 15 -29.62 7.01 2.11
C GLU A 15 -28.13 6.64 2.05
N ILE A 16 -27.63 6.37 0.84
CA ILE A 16 -26.27 5.91 0.64
C ILE A 16 -25.40 7.02 0.05
N THR A 17 -25.96 7.77 -0.91
CA THR A 17 -25.24 8.85 -1.55
C THR A 17 -26.27 9.79 -2.17
N THR A 18 -25.77 10.82 -2.84
CA THR A 18 -26.60 11.74 -3.60
C THR A 18 -26.05 11.84 -5.02
N LYS A 19 -26.93 12.25 -5.93
CA LYS A 19 -26.59 12.25 -7.35
C LYS A 19 -25.48 13.24 -7.66
N ASN A 20 -25.27 14.25 -6.80
CA ASN A 20 -24.22 15.23 -7.05
C ASN A 20 -22.86 14.64 -6.68
N GLU A 21 -22.83 13.39 -6.21
CA GLU A 21 -21.55 12.74 -5.93
C GLU A 21 -21.03 11.98 -7.16
N ILE A 22 -21.87 11.84 -8.19
CA ILE A 22 -21.57 10.99 -9.32
C ILE A 22 -20.46 11.62 -10.16
N PHE A 23 -19.52 10.79 -10.61
CA PHE A 23 -18.48 11.27 -11.51
C PHE A 23 -18.01 10.16 -12.43
N SER A 24 -17.34 10.56 -13.53
CA SER A 24 -16.79 9.62 -14.48
C SER A 24 -15.29 9.48 -14.23
N LEU A 25 -14.90 8.24 -13.94
CA LEU A 25 -13.52 7.91 -13.64
C LEU A 25 -12.81 7.60 -14.94
N SER A 26 -13.57 7.08 -15.92
CA SER A 26 -13.00 6.63 -17.17
C SER A 26 -13.87 7.08 -18.33
N LEU A 27 -13.55 6.52 -19.50
CA LEU A 27 -14.17 6.80 -20.78
C LEU A 27 -15.60 6.26 -20.81
N SER A 28 -15.86 5.24 -19.97
CA SER A 28 -17.12 4.52 -19.98
C SER A 28 -18.19 5.22 -19.16
N GLY A 29 -18.09 6.55 -19.00
CA GLY A 29 -19.19 7.36 -18.45
C GLY A 29 -19.29 7.04 -16.98
N PRO A 30 -20.26 7.60 -16.21
CA PRO A 30 -20.29 7.35 -14.79
C PRO A 30 -20.80 5.98 -14.36
N MET A 31 -21.52 5.29 -15.26
CA MET A 31 -22.03 3.98 -14.97
C MET A 31 -21.89 3.10 -16.21
N ALA A 32 -21.44 1.87 -16.00
CA ALA A 32 -21.19 0.91 -17.08
C ALA A 32 -21.31 -0.49 -16.52
N ALA A 33 -21.51 -1.47 -17.40
CA ALA A 33 -21.55 -2.87 -16.98
C ALA A 33 -20.14 -3.43 -16.85
N TYR A 34 -19.85 -4.05 -15.70
CA TYR A 34 -18.59 -4.76 -15.49
C TYR A 34 -18.88 -6.21 -15.15
N VAL A 35 -17.97 -7.08 -15.61
CA VAL A 35 -18.09 -8.51 -15.42
C VAL A 35 -17.15 -8.96 -14.31
N ASN A 36 -17.67 -9.72 -13.33
CA ASN A 36 -16.86 -10.22 -12.23
C ASN A 36 -16.29 -11.57 -12.66
N PRO A 37 -15.42 -12.19 -11.85
CA PRO A 37 -14.70 -13.38 -12.29
C PRO A 37 -15.56 -14.61 -12.54
N HIS A 38 -16.82 -14.57 -12.09
CA HIS A 38 -17.69 -15.75 -12.14
C HIS A 38 -18.85 -15.53 -13.12
N GLY A 39 -18.87 -14.40 -13.83
CA GLY A 39 -19.88 -14.14 -14.86
C GLY A 39 -21.08 -13.35 -14.36
N TYR A 40 -20.94 -12.71 -13.18
CA TYR A 40 -21.95 -11.80 -12.68
C TYR A 40 -21.63 -10.41 -13.20
N VAL A 41 -22.64 -9.76 -13.76
CA VAL A 41 -22.46 -8.45 -14.37
C VAL A 41 -23.08 -7.36 -13.51
N HIS A 42 -22.25 -6.39 -13.10
CA HIS A 42 -22.66 -5.32 -12.20
C HIS A 42 -22.58 -4.00 -12.94
N GLU A 43 -23.74 -3.36 -13.14
CA GLU A 43 -23.77 -1.97 -13.59
C GLU A 43 -23.36 -1.10 -12.42
N THR A 44 -22.14 -0.56 -12.51
CA THR A 44 -21.47 0.07 -11.40
C THR A 44 -21.39 1.57 -11.65
N LEU A 45 -21.99 2.34 -10.74
CA LEU A 45 -21.94 3.80 -10.74
C LEU A 45 -20.86 4.29 -9.78
N THR A 46 -20.02 5.24 -10.23
CA THR A 46 -18.92 5.69 -9.38
C THR A 46 -19.30 7.01 -8.73
N VAL A 47 -19.15 7.09 -7.40
CA VAL A 47 -19.47 8.29 -6.64
C VAL A 47 -18.29 8.61 -5.71
N TYR A 48 -18.09 9.90 -5.41
CA TYR A 48 -16.95 10.28 -4.58
C TYR A 48 -17.11 9.83 -3.13
N LYS A 49 -18.31 10.01 -2.57
CA LYS A 49 -18.59 9.80 -1.17
C LYS A 49 -19.92 9.04 -1.02
N ALA A 50 -19.95 8.15 -0.02
CA ALA A 50 -21.13 7.40 0.34
C ALA A 50 -21.22 7.30 1.87
N SER A 51 -22.43 7.11 2.37
CA SER A 51 -22.64 7.00 3.80
C SER A 51 -23.47 5.75 4.08
N ASN A 52 -23.53 5.35 5.36
CA ASN A 52 -24.44 4.30 5.84
C ASN A 52 -24.06 2.92 5.31
N LEU A 53 -22.78 2.74 4.97
CA LEU A 53 -22.26 1.48 4.48
C LEU A 53 -21.29 0.92 5.52
N ASN A 54 -21.24 -0.41 5.61
CA ASN A 54 -20.23 -1.13 6.38
C ASN A 54 -19.36 -1.96 5.46
N LEU A 55 -18.08 -2.06 5.80
CA LEU A 55 -17.13 -2.75 4.95
C LEU A 55 -16.91 -4.16 5.46
N ILE A 56 -16.71 -5.10 4.52
CA ILE A 56 -16.51 -6.51 4.83
C ILE A 56 -15.14 -6.89 4.31
N GLY A 57 -14.35 -7.56 5.16
CA GLY A 57 -13.09 -8.09 4.71
C GLY A 57 -12.06 -6.98 4.52
N ARG A 58 -10.99 -7.34 3.79
CA ARG A 58 -9.85 -6.47 3.58
C ARG A 58 -9.84 -6.00 2.12
N PRO A 59 -9.09 -4.92 1.77
CA PRO A 59 -8.95 -4.53 0.37
C PRO A 59 -8.26 -5.59 -0.49
N SER A 60 -8.61 -5.62 -1.79
CA SER A 60 -8.05 -6.57 -2.75
C SER A 60 -8.00 -5.93 -4.13
N THR A 61 -6.93 -6.22 -4.88
CA THR A 61 -6.79 -5.79 -6.26
C THR A 61 -7.26 -6.88 -7.23
N GLU A 62 -7.68 -8.05 -6.72
CA GLU A 62 -8.07 -9.16 -7.60
C GLU A 62 -9.20 -8.74 -8.55
N HIS A 63 -8.93 -8.79 -9.86
CA HIS A 63 -9.95 -8.60 -10.88
C HIS A 63 -10.56 -7.20 -10.78
N SER A 64 -9.78 -6.25 -10.24
CA SER A 64 -10.25 -4.88 -10.13
C SER A 64 -10.59 -4.29 -11.51
N TRP A 65 -11.78 -3.69 -11.55
CA TRP A 65 -12.28 -3.05 -12.74
C TRP A 65 -11.59 -1.72 -12.99
N PHE A 66 -10.91 -1.19 -11.97
CA PHE A 66 -10.34 0.15 -11.99
C PHE A 66 -8.85 0.02 -11.66
N PRO A 67 -8.00 -0.23 -12.67
CA PRO A 67 -6.59 -0.46 -12.42
C PRO A 67 -5.99 0.64 -11.56
N GLY A 68 -5.22 0.20 -10.56
CA GLY A 68 -4.59 1.10 -9.61
C GLY A 68 -5.40 1.22 -8.33
N TYR A 69 -6.60 0.60 -8.31
CA TYR A 69 -7.48 0.66 -7.15
C TYR A 69 -7.77 -0.75 -6.65
N ALA A 70 -7.87 -0.84 -5.31
CA ALA A 70 -8.28 -2.05 -4.62
C ALA A 70 -9.74 -1.91 -4.21
N TRP A 71 -10.49 -3.01 -4.20
CA TRP A 71 -11.88 -2.98 -3.70
C TRP A 71 -12.02 -3.58 -2.30
N THR A 72 -13.04 -3.05 -1.58
CA THR A 72 -13.54 -3.59 -0.33
C THR A 72 -15.06 -3.64 -0.41
N VAL A 73 -15.64 -4.81 -0.13
CA VAL A 73 -17.08 -5.01 -0.23
C VAL A 73 -17.82 -4.14 0.77
N ALA A 74 -18.90 -3.51 0.29
CA ALA A 74 -19.68 -2.56 1.06
C ALA A 74 -21.13 -3.03 1.11
N GLN A 75 -21.73 -3.00 2.29
CA GLN A 75 -23.10 -3.43 2.49
C GLN A 75 -23.86 -2.39 3.32
N CYS A 76 -25.17 -2.37 3.12
CA CYS A 76 -26.08 -1.49 3.85
C CYS A 76 -25.91 -1.73 5.34
N LYS A 77 -25.75 -0.67 6.14
CA LYS A 77 -25.55 -0.84 7.57
C LYS A 77 -26.80 -1.45 8.25
N ILE A 78 -27.99 -1.23 7.67
CA ILE A 78 -29.23 -1.68 8.30
C ILE A 78 -29.53 -3.15 7.97
N CYS A 79 -29.53 -3.50 6.69
CA CYS A 79 -30.01 -4.80 6.26
C CYS A 79 -28.91 -5.74 5.76
N ALA A 80 -27.67 -5.24 5.66
CA ALA A 80 -26.51 -5.97 5.18
C ALA A 80 -26.61 -6.37 3.70
N SER A 81 -27.52 -5.78 2.92
CA SER A 81 -27.55 -6.10 1.50
C SER A 81 -26.28 -5.55 0.84
N HIS A 82 -25.75 -6.29 -0.14
CA HIS A 82 -24.61 -5.81 -0.92
C HIS A 82 -25.00 -4.61 -1.74
N ILE A 83 -24.25 -3.51 -1.58
CA ILE A 83 -24.54 -2.28 -2.29
C ILE A 83 -23.45 -2.01 -3.31
N GLY A 84 -22.21 -2.36 -3.00
CA GLY A 84 -21.13 -2.03 -3.90
C GLY A 84 -19.78 -2.33 -3.26
N TRP A 85 -18.80 -1.52 -3.64
CA TRP A 85 -17.44 -1.65 -3.14
C TRP A 85 -16.88 -0.25 -2.89
N LYS A 86 -16.03 -0.14 -1.86
CA LYS A 86 -15.16 1.01 -1.71
C LYS A 86 -13.90 0.75 -2.54
N PHE A 87 -13.48 1.76 -3.29
CA PHE A 87 -12.21 1.64 -4.02
C PHE A 87 -11.17 2.58 -3.42
N THR A 88 -9.96 2.05 -3.17
CA THR A 88 -8.86 2.76 -2.54
C THR A 88 -7.61 2.63 -3.42
N ALA A 89 -6.93 3.77 -3.64
CA ALA A 89 -5.80 3.80 -4.56
C ALA A 89 -4.64 3.00 -3.98
N THR A 90 -3.87 2.35 -4.85
CA THR A 90 -2.75 1.53 -4.39
C THR A 90 -1.46 2.30 -4.58
N LYS A 91 -1.53 3.50 -5.17
CA LYS A 91 -0.38 4.38 -5.37
C LYS A 91 -0.80 5.81 -5.06
N LYS A 92 0.15 6.66 -4.66
CA LYS A 92 -0.15 8.03 -4.27
C LYS A 92 -0.51 8.92 -5.47
N ASP A 93 -0.03 8.59 -6.67
CA ASP A 93 -0.15 9.50 -7.80
C ASP A 93 -1.59 9.60 -8.31
N MET A 94 -2.52 8.81 -7.75
CA MET A 94 -3.83 8.64 -8.35
C MET A 94 -4.83 9.61 -7.75
N SER A 95 -5.78 10.02 -8.56
CA SER A 95 -6.81 10.91 -8.09
C SER A 95 -8.15 10.52 -8.66
N PRO A 96 -9.23 10.33 -7.87
CA PRO A 96 -9.18 10.46 -6.42
C PRO A 96 -8.50 9.27 -5.75
N GLN A 97 -8.12 9.46 -4.49
CA GLN A 97 -7.50 8.43 -3.68
C GLN A 97 -8.54 7.36 -3.30
N LYS A 98 -9.80 7.77 -3.25
CA LYS A 98 -10.84 6.80 -2.96
C LYS A 98 -12.16 7.28 -3.55
N PHE A 99 -13.02 6.30 -3.81
CA PHE A 99 -14.35 6.50 -4.33
C PHE A 99 -15.13 5.22 -4.05
N TRP A 100 -16.40 5.23 -4.42
CA TRP A 100 -17.26 4.08 -4.23
C TRP A 100 -17.84 3.66 -5.58
N GLY A 101 -17.85 2.36 -5.85
CA GLY A 101 -18.63 1.86 -6.99
C GLY A 101 -19.91 1.18 -6.48
N LEU A 102 -21.08 1.70 -6.84
CA LEU A 102 -22.34 1.18 -6.33
C LEU A 102 -23.09 0.43 -7.44
N THR A 103 -23.61 -0.77 -7.09
CA THR A 103 -24.24 -1.60 -8.11
C THR A 103 -25.69 -1.13 -8.29
N ARG A 104 -26.06 -0.94 -9.56
CA ARG A 104 -27.30 -0.24 -9.88
C ARG A 104 -28.51 -0.91 -9.25
N SER A 105 -28.53 -2.24 -9.27
CA SER A 105 -29.70 -2.98 -8.80
C SER A 105 -29.93 -2.87 -7.29
N ALA A 106 -28.94 -2.37 -6.55
CA ALA A 106 -29.08 -2.25 -5.10
C ALA A 106 -29.68 -0.92 -4.69
N LEU A 107 -29.92 0.00 -5.65
CA LEU A 107 -30.22 1.38 -5.31
C LEU A 107 -31.59 1.80 -5.82
N LEU A 108 -32.26 2.67 -5.07
CA LEU A 108 -33.38 3.46 -5.57
C LEU A 108 -33.09 4.96 -5.50
N PRO A 109 -33.56 5.80 -6.44
CA PRO A 109 -34.19 5.36 -7.69
C PRO A 109 -33.29 4.56 -8.64
N THR A 110 -33.92 3.95 -9.65
CA THR A 110 -33.18 3.24 -10.67
C THR A 110 -32.51 4.26 -11.59
N ILE A 111 -31.18 4.30 -11.58
CA ILE A 111 -30.46 5.27 -12.40
C ILE A 111 -30.67 4.92 -13.88
N GLU B 3 -7.81 -16.50 7.08
CA GLU B 3 -8.77 -16.12 8.16
C GLU B 3 -10.19 -16.02 7.60
N ARG B 4 -10.32 -15.56 6.34
CA ARG B 4 -11.62 -15.49 5.65
C ARG B 4 -11.53 -16.21 4.31
N PRO B 5 -11.37 -17.55 4.28
CA PRO B 5 -11.16 -18.28 3.04
C PRO B 5 -12.39 -18.48 2.16
N PHE B 6 -13.60 -18.19 2.66
CA PHE B 6 -14.81 -18.50 1.89
C PHE B 6 -15.30 -17.24 1.19
N HIS B 7 -15.46 -17.31 -0.13
CA HIS B 7 -15.74 -16.08 -0.88
C HIS B 7 -17.06 -16.19 -1.60
N CYS B 8 -17.84 -15.09 -1.58
CA CYS B 8 -19.08 -14.99 -2.33
C CYS B 8 -18.77 -14.74 -3.82
N ASN B 9 -19.35 -15.55 -4.70
CA ASN B 9 -19.04 -15.49 -6.12
C ASN B 9 -19.76 -14.33 -6.81
N GLN B 10 -20.73 -13.70 -6.13
CA GLN B 10 -21.47 -12.58 -6.69
C GLN B 10 -20.83 -11.22 -6.36
N CYS B 11 -20.16 -11.08 -5.19
CA CYS B 11 -19.66 -9.76 -4.79
C CYS B 11 -18.24 -9.75 -4.24
N GLY B 12 -17.70 -10.91 -3.88
CA GLY B 12 -16.34 -11.01 -3.37
C GLY B 12 -16.26 -10.99 -1.84
N ALA B 13 -17.41 -10.95 -1.14
CA ALA B 13 -17.45 -10.93 0.32
C ALA B 13 -16.76 -12.19 0.82
N SER B 14 -15.92 -12.05 1.87
CA SER B 14 -15.17 -13.17 2.41
C SER B 14 -15.66 -13.47 3.83
N PHE B 15 -15.56 -14.74 4.22
CA PHE B 15 -16.07 -15.22 5.50
C PHE B 15 -15.10 -16.21 6.12
N THR B 16 -15.04 -16.22 7.45
CA THR B 16 -14.32 -17.22 8.23
C THR B 16 -15.13 -18.52 8.26
N GLN B 17 -16.46 -18.39 8.38
CA GLN B 17 -17.36 -19.54 8.52
C GLN B 17 -18.09 -19.77 7.21
N LYS B 18 -17.91 -20.96 6.61
CA LYS B 18 -18.63 -21.30 5.39
C LYS B 18 -20.14 -21.19 5.59
N GLY B 19 -20.63 -21.52 6.80
CA GLY B 19 -22.05 -21.39 7.09
C GLY B 19 -22.58 -19.97 6.87
N ASN B 20 -21.76 -18.97 7.22
CA ASN B 20 -22.15 -17.58 7.06
C ASN B 20 -22.14 -17.25 5.56
N LEU B 21 -21.16 -17.80 4.81
CA LEU B 21 -21.15 -17.65 3.36
C LEU B 21 -22.50 -18.11 2.78
N LEU B 22 -22.97 -19.29 3.20
CA LEU B 22 -24.16 -19.88 2.61
C LEU B 22 -25.34 -18.95 2.81
N ARG B 23 -25.46 -18.39 4.02
CA ARG B 23 -26.56 -17.48 4.32
C ARG B 23 -26.44 -16.22 3.48
N HIS B 24 -25.24 -15.66 3.38
CA HIS B 24 -24.96 -14.48 2.57
C HIS B 24 -25.36 -14.71 1.12
N ILE B 25 -24.97 -15.85 0.54
CA ILE B 25 -25.38 -16.16 -0.82
C ILE B 25 -26.91 -16.20 -0.92
N LYS B 26 -27.58 -16.84 0.03
CA LYS B 26 -29.04 -16.91 -0.02
C LYS B 26 -29.64 -15.51 -0.11
N LEU B 27 -29.10 -14.58 0.69
CA LEU B 27 -29.64 -13.23 0.79
C LEU B 27 -29.46 -12.43 -0.51
N HIS B 28 -28.55 -12.80 -1.41
CA HIS B 28 -28.48 -12.18 -2.73
C HIS B 28 -29.77 -12.39 -3.54
N SER B 29 -30.57 -13.40 -3.20
CA SER B 29 -31.86 -13.65 -3.86
C SER B 29 -33.02 -12.85 -3.25
N SER C 3 -36.56 -11.60 27.61
CA SER C 3 -37.89 -11.20 27.08
C SER C 3 -38.00 -9.67 26.94
N THR C 4 -37.75 -8.90 28.01
CA THR C 4 -37.58 -7.46 27.84
C THR C 4 -36.33 -7.24 26.99
N SER C 5 -36.44 -6.35 25.99
CA SER C 5 -35.30 -6.12 25.15
C SER C 5 -34.46 -4.97 25.71
N LEU C 6 -33.16 -5.06 25.39
CA LEU C 6 -32.21 -4.00 25.69
C LEU C 6 -31.81 -3.40 24.35
N SER C 7 -31.87 -2.08 24.25
CA SER C 7 -31.67 -1.31 23.03
C SER C 7 -30.52 -0.33 23.18
N CYS C 8 -29.99 0.13 22.06
CA CYS C 8 -28.91 1.11 22.02
C CYS C 8 -29.43 2.42 22.62
N LYS C 9 -28.73 2.91 23.66
CA LYS C 9 -29.17 4.09 24.36
C LYS C 9 -28.99 5.32 23.49
N GLN C 10 -27.98 5.32 22.62
CA GLN C 10 -27.63 6.49 21.83
C GLN C 10 -28.68 6.81 20.76
N CYS C 11 -29.08 5.83 19.95
CA CYS C 11 -30.02 6.08 18.86
C CYS C 11 -31.43 5.58 19.20
N GLN C 12 -31.50 4.63 20.13
CA GLN C 12 -32.73 3.94 20.50
C GLN C 12 -33.47 3.34 19.31
N GLU C 13 -32.77 2.98 18.23
CA GLU C 13 -33.47 2.47 17.06
C GLU C 13 -33.23 0.96 16.92
N THR C 14 -32.40 0.37 17.79
CA THR C 14 -31.98 -1.00 17.57
C THR C 14 -32.08 -1.78 18.86
N GLU C 15 -32.69 -2.96 18.78
CA GLU C 15 -32.68 -3.92 19.86
C GLU C 15 -31.40 -4.76 19.75
N ILE C 16 -30.69 -4.88 20.87
CA ILE C 16 -29.39 -5.54 20.88
C ILE C 16 -29.52 -6.95 21.44
N THR C 17 -30.29 -7.13 22.52
CA THR C 17 -30.44 -8.44 23.11
C THR C 17 -31.73 -8.43 23.94
N THR C 18 -32.01 -9.55 24.61
CA THR C 18 -33.12 -9.59 25.55
C THR C 18 -32.62 -10.14 26.88
N LYS C 19 -33.40 -9.90 27.93
CA LYS C 19 -33.03 -10.32 29.27
C LYS C 19 -32.87 -11.84 29.38
N ASN C 20 -33.61 -12.58 28.57
CA ASN C 20 -33.50 -14.04 28.56
C ASN C 20 -32.15 -14.51 28.02
N GLU C 21 -31.31 -13.61 27.48
CA GLU C 21 -29.98 -14.01 27.02
C GLU C 21 -28.92 -13.89 28.13
N ILE C 22 -29.29 -13.29 29.26
CA ILE C 22 -28.30 -12.98 30.29
C ILE C 22 -27.85 -14.27 30.98
N PHE C 23 -26.55 -14.39 31.19
CA PHE C 23 -26.02 -15.52 31.95
C PHE C 23 -24.80 -15.08 32.74
N SER C 24 -24.44 -15.87 33.76
CA SER C 24 -23.23 -15.62 34.53
C SER C 24 -22.13 -16.52 34.02
N LEU C 25 -21.02 -15.91 33.60
CA LEU C 25 -19.90 -16.67 33.11
C LEU C 25 -19.02 -17.09 34.26
N SER C 26 -18.95 -16.25 35.29
CA SER C 26 -18.00 -16.41 36.38
C SER C 26 -18.72 -16.27 37.72
N LEU C 27 -17.91 -16.14 38.76
CA LEU C 27 -18.34 -15.96 40.14
C LEU C 27 -18.99 -14.59 40.35
N SER C 28 -18.68 -13.63 39.48
CA SER C 28 -19.02 -12.24 39.72
C SER C 28 -20.39 -11.88 39.13
N GLY C 29 -21.28 -12.88 38.95
CA GLY C 29 -22.69 -12.61 38.67
C GLY C 29 -22.77 -12.24 37.21
N PRO C 30 -23.96 -11.89 36.66
CA PRO C 30 -24.10 -11.61 35.23
C PRO C 30 -23.51 -10.27 34.80
N MET C 31 -23.41 -9.34 35.73
CA MET C 31 -22.85 -8.02 35.43
C MET C 31 -21.94 -7.60 36.57
N ALA C 32 -20.75 -7.09 36.24
CA ALA C 32 -19.84 -6.55 37.24
C ALA C 32 -18.98 -5.50 36.58
N ALA C 33 -18.26 -4.71 37.39
CA ALA C 33 -17.34 -3.69 36.89
C ALA C 33 -15.99 -4.32 36.60
N TYR C 34 -15.43 -4.01 35.42
CA TYR C 34 -14.13 -4.45 34.98
C TYR C 34 -13.35 -3.21 34.54
N VAL C 35 -12.03 -3.25 34.80
CA VAL C 35 -11.15 -2.12 34.54
C VAL C 35 -10.36 -2.41 33.27
N ASN C 36 -10.39 -1.48 32.30
CA ASN C 36 -9.64 -1.63 31.06
C ASN C 36 -8.20 -1.17 31.30
N PRO C 37 -7.27 -1.31 30.32
CA PRO C 37 -5.85 -1.03 30.54
C PRO C 37 -5.50 0.43 30.85
N HIS C 38 -6.44 1.34 30.59
CA HIS C 38 -6.17 2.76 30.74
C HIS C 38 -7.01 3.41 31.84
N GLY C 39 -7.72 2.58 32.63
CA GLY C 39 -8.45 3.08 33.77
C GLY C 39 -9.93 3.40 33.51
N TYR C 40 -10.48 2.94 32.39
CA TYR C 40 -11.92 3.08 32.11
C TYR C 40 -12.62 1.86 32.69
N VAL C 41 -13.70 2.09 33.47
CA VAL C 41 -14.42 1.02 34.14
C VAL C 41 -15.75 0.75 33.45
N HIS C 42 -15.93 -0.50 33.01
CA HIS C 42 -17.10 -0.89 32.25
C HIS C 42 -17.88 -1.95 33.02
N GLU C 43 -19.08 -1.59 33.49
CA GLU C 43 -19.98 -2.59 34.02
C GLU C 43 -20.51 -3.38 32.83
N THR C 44 -20.04 -4.63 32.74
CA THR C 44 -20.25 -5.49 31.59
C THR C 44 -21.21 -6.61 31.92
N LEU C 45 -22.28 -6.69 31.13
CA LEU C 45 -23.30 -7.72 31.21
C LEU C 45 -23.02 -8.78 30.14
N THR C 46 -22.99 -10.08 30.52
CA THR C 46 -22.70 -11.16 29.58
C THR C 46 -24.01 -11.77 29.08
N VAL C 47 -24.14 -11.87 27.76
CA VAL C 47 -25.32 -12.41 27.11
C VAL C 47 -24.86 -13.39 26.05
N TYR C 48 -25.66 -14.43 25.81
CA TYR C 48 -25.29 -15.49 24.87
C TYR C 48 -25.33 -14.95 23.44
N LYS C 49 -26.37 -14.22 23.10
CA LYS C 49 -26.63 -13.80 21.73
C LYS C 49 -27.04 -12.32 21.75
N ALA C 50 -26.60 -11.63 20.68
CA ALA C 50 -26.91 -10.23 20.45
C ALA C 50 -27.14 -9.99 18.96
N SER C 51 -27.94 -8.98 18.64
CA SER C 51 -28.25 -8.65 17.25
C SER C 51 -27.89 -7.18 17.00
N ASN C 52 -27.77 -6.83 15.71
CA ASN C 52 -27.75 -5.46 15.27
C ASN C 52 -26.42 -4.80 15.62
N LEU C 53 -25.37 -5.63 15.78
CA LEU C 53 -24.05 -5.12 16.12
C LEU C 53 -23.13 -5.38 14.94
N ASN C 54 -22.13 -4.50 14.78
CA ASN C 54 -21.07 -4.62 13.80
C ASN C 54 -19.75 -4.71 14.54
N LEU C 55 -18.85 -5.51 13.99
CA LEU C 55 -17.58 -5.81 14.64
C LEU C 55 -16.49 -4.98 13.98
N ILE C 56 -15.57 -4.48 14.81
CA ILE C 56 -14.43 -3.68 14.40
C ILE C 56 -13.15 -4.47 14.64
N GLY C 57 -12.33 -4.62 13.60
CA GLY C 57 -11.04 -5.26 13.73
C GLY C 57 -11.13 -6.77 13.92
N ARG C 58 -10.06 -7.33 14.49
CA ARG C 58 -9.91 -8.76 14.68
C ARG C 58 -9.88 -9.06 16.17
N PRO C 59 -10.05 -10.33 16.60
CA PRO C 59 -10.05 -10.65 18.01
C PRO C 59 -8.70 -10.38 18.67
N SER C 60 -8.73 -10.05 19.97
CA SER C 60 -7.53 -9.87 20.76
C SER C 60 -7.72 -10.51 22.12
N THR C 61 -6.62 -11.06 22.68
CA THR C 61 -6.65 -11.55 24.05
C THR C 61 -6.09 -10.52 25.02
N GLU C 62 -5.71 -9.33 24.54
CA GLU C 62 -5.05 -8.36 25.41
C GLU C 62 -5.95 -7.91 26.55
N HIS C 63 -5.48 -8.09 27.79
CA HIS C 63 -6.19 -7.64 28.98
C HIS C 63 -7.60 -8.21 29.02
N SER C 64 -7.81 -9.42 28.49
CA SER C 64 -9.13 -10.00 28.46
C SER C 64 -9.64 -10.22 29.88
N TRP C 65 -10.88 -9.78 30.13
CA TRP C 65 -11.52 -9.93 31.43
C TRP C 65 -11.94 -11.37 31.69
N PHE C 66 -11.94 -12.20 30.65
CA PHE C 66 -12.49 -13.54 30.69
C PHE C 66 -11.42 -14.47 30.11
N PRO C 67 -10.53 -15.01 30.96
CA PRO C 67 -9.42 -15.81 30.45
C PRO C 67 -9.92 -16.97 29.59
N GLY C 68 -9.25 -17.20 28.46
CA GLY C 68 -9.67 -18.20 27.52
C GLY C 68 -10.42 -17.60 26.34
N TYR C 69 -10.78 -16.32 26.44
CA TYR C 69 -11.57 -15.67 25.41
C TYR C 69 -10.86 -14.42 24.92
N ALA C 70 -11.03 -14.18 23.61
CA ALA C 70 -10.55 -12.98 22.96
C ALA C 70 -11.73 -12.06 22.72
N TRP C 71 -11.47 -10.76 22.64
CA TRP C 71 -12.52 -9.78 22.43
C TRP C 71 -12.43 -9.17 21.04
N THR C 72 -13.59 -8.73 20.53
CA THR C 72 -13.70 -7.98 19.28
C THR C 72 -14.71 -6.87 19.55
N VAL C 73 -14.33 -5.62 19.27
CA VAL C 73 -15.15 -4.46 19.56
C VAL C 73 -16.44 -4.51 18.77
N ALA C 74 -17.55 -4.18 19.44
CA ALA C 74 -18.88 -4.26 18.85
C ALA C 74 -19.57 -2.91 18.96
N GLN C 75 -20.15 -2.45 17.85
CA GLN C 75 -20.85 -1.18 17.81
C GLN C 75 -22.23 -1.34 17.19
N CYS C 76 -23.13 -0.43 17.60
CA CYS C 76 -24.49 -0.34 17.07
C CYS C 76 -24.41 -0.20 15.55
N LYS C 77 -25.23 -0.95 14.83
CA LYS C 77 -25.14 -0.94 13.38
C LYS C 77 -25.66 0.39 12.82
N ILE C 78 -26.59 1.04 13.54
CA ILE C 78 -27.20 2.27 13.07
C ILE C 78 -26.29 3.48 13.35
N CYS C 79 -25.86 3.65 14.61
CA CYS C 79 -25.22 4.90 15.00
C CYS C 79 -23.73 4.75 15.28
N ALA C 80 -23.21 3.51 15.23
CA ALA C 80 -21.81 3.18 15.47
C ALA C 80 -21.36 3.46 16.90
N SER C 81 -22.27 3.63 17.86
CA SER C 81 -21.84 3.78 19.24
C SER C 81 -21.23 2.48 19.75
N HIS C 82 -20.24 2.60 20.63
CA HIS C 82 -19.69 1.44 21.31
C HIS C 82 -20.73 0.78 22.20
N ILE C 83 -21.00 -0.53 22.01
CA ILE C 83 -21.97 -1.24 22.84
C ILE C 83 -21.25 -2.23 23.75
N GLY C 84 -20.14 -2.81 23.29
CA GLY C 84 -19.41 -3.78 24.08
C GLY C 84 -18.42 -4.57 23.22
N TRP C 85 -18.35 -5.88 23.45
CA TRP C 85 -17.42 -6.73 22.73
C TRP C 85 -18.06 -8.10 22.51
N LYS C 86 -17.70 -8.73 21.39
CA LYS C 86 -17.91 -10.15 21.20
C LYS C 86 -16.72 -10.88 21.79
N PHE C 87 -17.01 -11.94 22.55
CA PHE C 87 -15.97 -12.80 23.08
C PHE C 87 -16.02 -14.15 22.39
N THR C 88 -14.83 -14.63 21.95
CA THR C 88 -14.72 -15.89 21.23
C THR C 88 -13.62 -16.73 21.88
N ALA C 89 -13.93 -18.02 22.10
CA ALA C 89 -13.02 -18.92 22.80
C ALA C 89 -11.71 -19.04 22.04
N THR C 90 -10.58 -19.17 22.74
CA THR C 90 -9.32 -19.38 22.04
C THR C 90 -8.95 -20.84 22.18
N LYS C 91 -9.77 -21.62 22.91
CA LYS C 91 -9.56 -23.05 23.11
C LYS C 91 -10.89 -23.79 22.94
N LYS C 92 -10.83 -25.00 22.36
CA LYS C 92 -12.01 -25.79 22.04
C LYS C 92 -12.80 -26.24 23.27
N ASP C 93 -12.11 -26.52 24.39
CA ASP C 93 -12.77 -27.06 25.58
C ASP C 93 -13.71 -26.03 26.23
N MET C 94 -13.74 -24.79 25.73
CA MET C 94 -14.45 -23.73 26.43
C MET C 94 -15.92 -23.75 26.02
N SER C 95 -16.79 -23.48 26.99
CA SER C 95 -18.20 -23.35 26.72
C SER C 95 -18.75 -22.19 27.52
N PRO C 96 -19.53 -21.24 26.93
CA PRO C 96 -19.85 -21.25 25.52
C PRO C 96 -18.65 -20.83 24.67
N GLN C 97 -18.69 -21.18 23.39
CA GLN C 97 -17.64 -20.84 22.43
C GLN C 97 -17.67 -19.35 22.14
N LYS C 98 -18.82 -18.71 22.34
CA LYS C 98 -18.88 -17.27 22.15
C LYS C 98 -20.04 -16.72 22.95
N PHE C 99 -19.91 -15.43 23.26
CA PHE C 99 -20.89 -14.67 23.99
C PHE C 99 -20.60 -13.18 23.77
N TRP C 100 -21.45 -12.31 24.31
CA TRP C 100 -21.22 -10.88 24.19
C TRP C 100 -21.13 -10.29 25.59
N GLY C 101 -20.22 -9.33 25.74
CA GLY C 101 -20.20 -8.48 26.91
C GLY C 101 -20.62 -7.07 26.54
N LEU C 102 -21.72 -6.61 27.14
CA LEU C 102 -22.29 -5.32 26.80
C LEU C 102 -22.12 -4.37 27.97
N THR C 103 -21.69 -3.13 27.65
CA THR C 103 -21.39 -2.16 28.68
C THR C 103 -22.68 -1.45 29.07
N ARG C 104 -22.90 -1.39 30.38
CA ARG C 104 -24.19 -1.03 30.94
C ARG C 104 -24.67 0.32 30.45
N SER C 105 -23.76 1.29 30.36
CA SER C 105 -24.12 2.66 30.06
C SER C 105 -24.54 2.82 28.59
N ALA C 106 -24.35 1.79 27.76
CA ALA C 106 -24.69 1.92 26.35
C ALA C 106 -26.12 1.46 26.07
N LEU C 107 -26.81 0.93 27.10
CA LEU C 107 -28.06 0.20 26.90
C LEU C 107 -29.22 0.87 27.63
N LEU C 108 -30.41 0.75 27.03
CA LEU C 108 -31.68 0.99 27.68
C LEU C 108 -32.58 -0.24 27.64
N PRO C 109 -33.43 -0.50 28.66
CA PRO C 109 -33.42 0.25 29.92
C PRO C 109 -32.17 0.00 30.78
N THR C 110 -32.04 0.77 31.85
CA THR C 110 -30.89 0.71 32.75
C THR C 110 -30.98 -0.58 33.56
N ILE C 111 -30.01 -1.48 33.37
CA ILE C 111 -30.04 -2.80 34.00
C ILE C 111 -29.48 -2.66 35.42
N ARG D 4 -3.70 -1.50 11.46
CA ARG D 4 -4.50 -0.75 12.46
C ARG D 4 -3.60 -0.43 13.65
N PRO D 5 -2.64 0.51 13.50
CA PRO D 5 -1.76 0.88 14.61
C PRO D 5 -2.39 1.80 15.66
N PHE D 6 -3.58 2.37 15.40
CA PHE D 6 -4.11 3.38 16.32
C PHE D 6 -5.29 2.81 17.10
N HIS D 7 -5.31 3.04 18.42
CA HIS D 7 -6.26 2.35 19.29
C HIS D 7 -7.02 3.33 20.17
N CYS D 8 -8.33 3.13 20.32
CA CYS D 8 -9.14 3.88 21.27
C CYS D 8 -8.88 3.36 22.68
N ASN D 9 -8.49 4.26 23.60
CA ASN D 9 -8.15 3.86 24.95
C ASN D 9 -9.40 3.60 25.81
N GLN D 10 -10.61 3.92 25.33
CA GLN D 10 -11.82 3.60 26.08
C GLN D 10 -12.44 2.24 25.73
N CYS D 11 -12.27 1.74 24.49
CA CYS D 11 -12.97 0.52 24.09
C CYS D 11 -12.07 -0.46 23.33
N GLY D 12 -10.90 -0.01 22.86
CA GLY D 12 -9.97 -0.87 22.14
C GLY D 12 -10.18 -0.88 20.62
N ALA D 13 -11.11 -0.06 20.08
CA ALA D 13 -11.27 0.08 18.64
C ALA D 13 -9.94 0.46 17.98
N SER D 14 -9.63 -0.15 16.82
CA SER D 14 -8.37 0.07 16.13
C SER D 14 -8.66 0.71 14.78
N PHE D 15 -7.70 1.55 14.34
CA PHE D 15 -7.84 2.33 13.11
C PHE D 15 -6.52 2.33 12.34
N THR D 16 -6.64 2.44 11.00
CA THR D 16 -5.52 2.65 10.08
C THR D 16 -5.12 4.13 10.08
N GLN D 17 -6.14 4.99 10.11
CA GLN D 17 -5.98 6.43 10.02
C GLN D 17 -6.12 7.06 11.40
N LYS D 18 -5.08 7.75 11.86
CA LYS D 18 -5.18 8.43 13.14
C LYS D 18 -6.35 9.42 13.18
N GLY D 19 -6.71 10.04 12.04
CA GLY D 19 -7.80 11.02 12.00
C GLY D 19 -9.14 10.41 12.39
N ASN D 20 -9.34 9.13 12.04
CA ASN D 20 -10.58 8.44 12.35
C ASN D 20 -10.61 8.13 13.84
N LEU D 21 -9.44 7.79 14.39
CA LEU D 21 -9.33 7.55 15.82
C LEU D 21 -9.80 8.79 16.57
N LEU D 22 -9.36 9.98 16.12
CA LEU D 22 -9.68 11.22 16.82
C LEU D 22 -11.19 11.44 16.81
N ARG D 23 -11.85 11.17 15.68
CA ARG D 23 -13.30 11.38 15.63
C ARG D 23 -14.03 10.38 16.52
N HIS D 24 -13.59 9.13 16.47
CA HIS D 24 -14.13 8.07 17.30
C HIS D 24 -14.05 8.42 18.80
N ILE D 25 -12.87 8.87 19.26
CA ILE D 25 -12.69 9.25 20.67
C ILE D 25 -13.70 10.33 21.02
N LYS D 26 -13.88 11.31 20.13
CA LYS D 26 -14.79 12.40 20.43
C LYS D 26 -16.22 11.88 20.58
N LEU D 27 -16.60 10.91 19.76
CA LEU D 27 -17.96 10.39 19.82
C LEU D 27 -18.24 9.67 21.15
N HIS D 28 -17.23 9.17 21.86
CA HIS D 28 -17.46 8.61 23.18
C HIS D 28 -18.07 9.64 24.15
N SER D 29 -17.90 10.94 23.87
CA SER D 29 -18.78 12.01 24.33
C SER D 29 -19.87 12.28 23.28
N GLY E 1 24.19 -26.29 2.91
CA GLY E 1 23.75 -26.36 1.48
C GLY E 1 24.57 -25.43 0.60
N PRO E 2 24.31 -25.40 -0.73
CA PRO E 2 25.02 -24.48 -1.63
C PRO E 2 24.92 -23.04 -1.16
N SER E 3 26.05 -22.32 -1.21
CA SER E 3 26.08 -20.97 -0.70
C SER E 3 26.91 -20.04 -1.58
N THR E 4 27.24 -20.48 -2.80
CA THR E 4 28.10 -19.67 -3.65
C THR E 4 27.27 -18.70 -4.49
N SER E 5 27.98 -17.82 -5.18
CA SER E 5 27.35 -16.61 -5.66
C SER E 5 26.74 -16.84 -7.03
N LEU E 6 25.71 -16.03 -7.30
CA LEU E 6 25.16 -15.90 -8.62
C LEU E 6 25.48 -14.47 -9.05
N SER E 7 26.09 -14.35 -10.24
CA SER E 7 26.61 -13.10 -10.79
C SER E 7 25.89 -12.67 -12.07
N CYS E 8 26.05 -11.41 -12.45
CA CYS E 8 25.53 -10.87 -13.70
C CYS E 8 26.25 -11.53 -14.87
N LYS E 9 25.48 -12.20 -15.73
CA LYS E 9 26.05 -12.94 -16.86
C LYS E 9 26.68 -11.98 -17.87
N GLN E 10 26.07 -10.80 -18.03
CA GLN E 10 26.44 -9.89 -19.09
C GLN E 10 27.79 -9.23 -18.80
N CYS E 11 27.96 -8.69 -17.59
CA CYS E 11 29.19 -7.98 -17.30
C CYS E 11 30.18 -8.84 -16.49
N GLN E 12 29.68 -9.83 -15.77
CA GLN E 12 30.49 -10.67 -14.89
C GLN E 12 31.32 -9.86 -13.89
N GLU E 13 30.85 -8.67 -13.48
CA GLU E 13 31.62 -7.83 -12.57
C GLU E 13 30.92 -7.65 -11.23
N THR E 14 29.78 -8.31 -11.02
CA THR E 14 29.08 -8.11 -9.76
C THR E 14 28.32 -9.38 -9.39
N GLU E 15 28.40 -9.72 -8.09
CA GLU E 15 27.59 -10.76 -7.47
C GLU E 15 26.21 -10.18 -7.10
N ILE E 16 25.15 -10.95 -7.36
CA ILE E 16 23.79 -10.45 -7.15
C ILE E 16 23.18 -11.11 -5.92
N THR E 17 23.47 -12.39 -5.72
CA THR E 17 22.91 -13.12 -4.60
C THR E 17 23.78 -14.36 -4.38
N THR E 18 23.38 -15.16 -3.41
CA THR E 18 24.02 -16.45 -3.19
C THR E 18 22.95 -17.53 -3.17
N LYS E 19 23.39 -18.76 -3.38
CA LYS E 19 22.48 -19.88 -3.51
C LYS E 19 21.75 -20.18 -2.21
N ASN E 20 22.27 -19.72 -1.06
CA ASN E 20 21.64 -19.98 0.23
C ASN E 20 20.50 -18.99 0.44
N GLU E 21 20.25 -18.08 -0.51
CA GLU E 21 19.11 -17.17 -0.44
C GLU E 21 17.87 -17.74 -1.14
N ILE E 22 18.02 -18.88 -1.84
CA ILE E 22 16.95 -19.44 -2.65
C ILE E 22 15.87 -20.05 -1.77
N PHE E 23 14.61 -19.79 -2.11
CA PHE E 23 13.50 -20.37 -1.37
C PHE E 23 12.34 -20.60 -2.32
N SER E 24 11.40 -21.46 -1.91
CA SER E 24 10.21 -21.72 -2.70
C SER E 24 9.03 -20.97 -2.09
N LEU E 25 8.44 -20.09 -2.90
CA LEU E 25 7.35 -19.24 -2.45
C LEU E 25 6.05 -20.00 -2.62
N SER E 26 6.00 -20.86 -3.65
CA SER E 26 4.79 -21.57 -4.04
C SER E 26 5.09 -23.05 -4.30
N LEU E 27 4.10 -23.69 -4.91
CA LEU E 27 4.10 -25.11 -5.25
C LEU E 27 5.10 -25.41 -6.37
N SER E 28 5.37 -24.39 -7.19
CA SER E 28 6.19 -24.55 -8.38
C SER E 28 7.69 -24.47 -8.08
N GLY E 29 8.08 -24.77 -6.83
CA GLY E 29 9.48 -25.01 -6.50
C GLY E 29 10.16 -23.67 -6.55
N PRO E 30 11.50 -23.56 -6.41
CA PRO E 30 12.13 -22.25 -6.32
C PRO E 30 12.33 -21.51 -7.64
N MET E 31 12.22 -22.24 -8.75
CA MET E 31 12.35 -21.66 -10.07
C MET E 31 11.37 -22.34 -11.02
N ALA E 32 10.67 -21.52 -11.79
CA ALA E 32 9.66 -22.01 -12.71
C ALA E 32 9.55 -21.00 -13.84
N ALA E 33 8.98 -21.44 -14.97
CA ALA E 33 8.76 -20.57 -16.11
C ALA E 33 7.48 -19.78 -15.91
N TYR E 34 7.55 -18.44 -16.09
CA TYR E 34 6.39 -17.57 -16.06
C TYR E 34 6.30 -16.81 -17.38
N VAL E 35 5.05 -16.56 -17.77
CA VAL E 35 4.75 -15.90 -19.04
C VAL E 35 4.34 -14.46 -18.76
N ASN E 36 4.96 -13.51 -19.48
CA ASN E 36 4.69 -12.09 -19.29
C ASN E 36 3.57 -11.71 -20.26
N PRO E 37 3.06 -10.47 -20.19
CA PRO E 37 1.86 -10.13 -20.96
C PRO E 37 2.02 -10.20 -22.48
N HIS E 38 3.26 -10.22 -22.96
CA HIS E 38 3.56 -10.09 -24.39
C HIS E 38 4.07 -11.42 -24.95
N GLY E 39 4.18 -12.46 -24.12
CA GLY E 39 4.61 -13.78 -24.57
C GLY E 39 6.08 -14.09 -24.33
N TYR E 40 6.76 -13.26 -23.52
CA TYR E 40 8.13 -13.53 -23.09
C TYR E 40 8.06 -14.41 -21.85
N VAL E 41 8.83 -15.50 -21.88
CA VAL E 41 8.84 -16.47 -20.81
C VAL E 41 10.14 -16.36 -20.00
N HIS E 42 9.98 -16.12 -18.70
CA HIS E 42 11.10 -15.93 -17.79
C HIS E 42 11.11 -17.06 -16.77
N GLU E 43 12.19 -17.85 -16.79
CA GLU E 43 12.45 -18.77 -15.70
C GLU E 43 12.95 -17.98 -14.52
N THR E 44 12.07 -17.83 -13.51
CA THR E 44 12.28 -16.91 -12.41
C THR E 44 12.61 -17.69 -11.14
N LEU E 45 13.80 -17.43 -10.58
CA LEU E 45 14.25 -17.96 -9.30
C LEU E 45 13.93 -16.97 -8.18
N THR E 46 13.34 -17.43 -7.08
CA THR E 46 12.99 -16.53 -5.99
C THR E 46 14.04 -16.62 -4.88
N VAL E 47 14.57 -15.45 -4.48
CA VAL E 47 15.60 -15.37 -3.45
C VAL E 47 15.17 -14.30 -2.46
N TYR E 48 15.59 -14.46 -1.20
CA TYR E 48 15.16 -13.56 -0.13
C TYR E 48 15.85 -12.20 -0.28
N LYS E 49 17.17 -12.20 -0.56
CA LYS E 49 17.97 -11.00 -0.58
C LYS E 49 18.87 -11.00 -1.82
N ALA E 50 19.08 -9.81 -2.38
CA ALA E 50 19.95 -9.61 -3.52
C ALA E 50 20.68 -8.28 -3.33
N SER E 51 21.85 -8.15 -3.95
CA SER E 51 22.64 -6.94 -3.86
C SER E 51 23.02 -6.49 -5.26
N ASN E 52 23.51 -5.25 -5.37
CA ASN E 52 24.16 -4.74 -6.57
C ASN E 52 23.15 -4.52 -7.69
N LEU E 53 21.89 -4.29 -7.31
CA LEU E 53 20.81 -4.08 -8.25
C LEU E 53 20.30 -2.65 -8.08
N ASN E 54 19.83 -2.07 -9.18
CA ASN E 54 19.16 -0.77 -9.15
C ASN E 54 17.73 -0.97 -9.66
N LEU E 55 16.80 -0.22 -9.08
CA LEU E 55 15.40 -0.36 -9.42
C LEU E 55 15.02 0.72 -10.41
N ILE E 56 14.13 0.36 -11.34
CA ILE E 56 13.64 1.26 -12.38
C ILE E 56 12.16 1.43 -12.19
N GLY E 57 11.69 2.68 -12.21
CA GLY E 57 10.25 2.93 -12.17
C GLY E 57 9.68 2.60 -10.79
N ARG E 58 8.35 2.48 -10.73
CA ARG E 58 7.63 2.30 -9.48
C ARG E 58 7.08 0.89 -9.37
N PRO E 59 6.70 0.40 -8.17
CA PRO E 59 6.05 -0.90 -8.04
C PRO E 59 4.71 -0.98 -8.81
N SER E 60 4.38 -2.18 -9.31
CA SER E 60 3.15 -2.43 -10.03
C SER E 60 2.67 -3.83 -9.73
N THR E 61 1.34 -4.00 -9.66
CA THR E 61 0.71 -5.30 -9.50
C THR E 61 0.26 -5.87 -10.85
N GLU E 62 0.45 -5.13 -11.95
CA GLU E 62 -0.01 -5.60 -13.26
C GLU E 62 0.61 -6.95 -13.63
N HIS E 63 -0.24 -7.97 -13.84
CA HIS E 63 0.20 -9.26 -14.34
C HIS E 63 1.21 -9.92 -13.39
N SER E 64 1.15 -9.58 -12.11
CA SER E 64 2.03 -10.18 -11.13
C SER E 64 1.86 -11.68 -11.10
N TRP E 65 3.02 -12.36 -11.14
CA TRP E 65 3.10 -13.79 -11.08
C TRP E 65 2.85 -14.31 -9.67
N PHE E 66 2.97 -13.44 -8.67
CA PHE E 66 2.89 -13.79 -7.26
C PHE E 66 1.78 -12.95 -6.62
N PRO E 67 0.52 -13.42 -6.63
CA PRO E 67 -0.57 -12.61 -6.14
C PRO E 67 -0.29 -12.09 -4.74
N GLY E 68 -0.57 -10.80 -4.53
CA GLY E 68 -0.30 -10.19 -3.25
C GLY E 68 0.99 -9.38 -3.28
N TYR E 69 1.79 -9.55 -4.34
CA TYR E 69 3.06 -8.84 -4.47
C TYR E 69 3.03 -7.96 -5.71
N ALA E 70 3.67 -6.80 -5.58
CA ALA E 70 3.95 -5.87 -6.66
C ALA E 70 5.39 -6.06 -7.12
N TRP E 71 5.65 -5.88 -8.42
CA TRP E 71 7.00 -5.94 -8.95
C TRP E 71 7.59 -4.55 -9.24
N THR E 72 8.92 -4.46 -9.10
CA THR E 72 9.73 -3.34 -9.53
C THR E 72 10.92 -3.92 -10.31
N VAL E 73 11.16 -3.41 -11.53
CA VAL E 73 12.21 -3.91 -12.40
C VAL E 73 13.56 -3.65 -11.78
N ALA E 74 14.44 -4.66 -11.85
CA ALA E 74 15.76 -4.61 -11.25
C ALA E 74 16.82 -4.88 -12.31
N GLN E 75 17.86 -4.05 -12.34
CA GLN E 75 18.94 -4.17 -13.30
C GLN E 75 20.29 -4.13 -12.60
N CYS E 76 21.29 -4.73 -13.24
CA CYS E 76 22.66 -4.74 -12.76
C CYS E 76 23.13 -3.30 -12.56
N LYS E 77 23.76 -2.99 -11.42
CA LYS E 77 24.23 -1.63 -11.16
C LYS E 77 25.36 -1.23 -12.12
N ILE E 78 26.12 -2.20 -12.63
CA ILE E 78 27.28 -1.89 -13.48
C ILE E 78 26.86 -1.71 -14.94
N CYS E 79 26.16 -2.70 -15.50
CA CYS E 79 25.91 -2.74 -16.93
C CYS E 79 24.46 -2.45 -17.30
N ALA E 80 23.56 -2.36 -16.32
CA ALA E 80 22.16 -2.02 -16.52
C ALA E 80 21.38 -3.14 -17.21
N SER E 81 21.97 -4.33 -17.31
CA SER E 81 21.25 -5.45 -17.87
C SER E 81 20.10 -5.83 -16.92
N HIS E 82 18.97 -6.24 -17.52
CA HIS E 82 17.81 -6.68 -16.77
C HIS E 82 18.13 -7.99 -16.06
N ILE E 83 17.96 -8.04 -14.74
CA ILE E 83 18.29 -9.20 -13.94
C ILE E 83 17.00 -9.83 -13.43
N GLY E 84 15.99 -9.02 -13.12
CA GLY E 84 14.80 -9.57 -12.52
C GLY E 84 13.89 -8.47 -12.02
N TRP E 85 13.21 -8.77 -10.92
CA TRP E 85 12.31 -7.84 -10.26
C TRP E 85 12.40 -7.98 -8.74
N LYS E 86 12.24 -6.85 -8.06
CA LYS E 86 11.97 -6.86 -6.64
C LYS E 86 10.47 -7.05 -6.46
N PHE E 87 10.11 -7.94 -5.55
CA PHE E 87 8.70 -8.12 -5.21
C PHE E 87 8.45 -7.61 -3.78
N THR E 88 7.37 -6.83 -3.64
CA THR E 88 6.99 -6.18 -2.38
C THR E 88 5.52 -6.46 -2.07
N ALA E 89 5.24 -6.85 -0.82
CA ALA E 89 3.89 -7.25 -0.44
C ALA E 89 2.95 -6.05 -0.49
N THR E 90 1.70 -6.27 -0.91
CA THR E 90 0.73 -5.20 -0.95
C THR E 90 -0.14 -5.29 0.32
N LYS E 91 0.09 -6.30 1.16
CA LYS E 91 -0.66 -6.47 2.41
C LYS E 91 0.31 -6.85 3.52
N LYS E 92 0.01 -6.46 4.77
CA LYS E 92 0.82 -6.86 5.92
C LYS E 92 0.72 -8.36 6.16
N ASP E 93 -0.42 -8.95 5.79
CA ASP E 93 -0.69 -10.37 5.91
C ASP E 93 0.49 -11.26 5.54
N MET E 94 1.38 -10.81 4.65
CA MET E 94 2.14 -11.71 3.80
C MET E 94 3.55 -11.93 4.32
N SER E 95 4.05 -13.12 4.09
CA SER E 95 5.40 -13.43 4.47
C SER E 95 6.10 -14.18 3.35
N PRO E 96 7.29 -13.77 2.86
CA PRO E 96 7.98 -12.58 3.31
C PRO E 96 7.37 -11.30 2.74
N GLN E 97 7.73 -10.17 3.34
CA GLN E 97 7.24 -8.87 2.89
C GLN E 97 7.91 -8.49 1.57
N LYS E 98 9.09 -9.02 1.32
CA LYS E 98 9.78 -8.74 0.09
C LYS E 98 10.74 -9.88 -0.23
N PHE E 99 11.00 -10.00 -1.54
CA PHE E 99 11.90 -10.97 -2.10
C PHE E 99 12.26 -10.48 -3.51
N TRP E 100 13.14 -11.23 -4.17
CA TRP E 100 13.53 -10.91 -5.52
C TRP E 100 13.23 -12.10 -6.43
N GLY E 101 12.69 -11.84 -7.62
CA GLY E 101 12.63 -12.86 -8.66
C GLY E 101 13.68 -12.57 -9.73
N LEU E 102 14.65 -13.47 -9.90
CA LEU E 102 15.76 -13.29 -10.83
C LEU E 102 15.54 -14.18 -12.04
N THR E 103 15.72 -13.59 -13.24
CA THR E 103 15.48 -14.34 -14.46
C THR E 103 16.75 -15.14 -14.78
N ARG E 104 16.57 -16.43 -15.03
CA ARG E 104 17.67 -17.37 -15.05
C ARG E 104 18.75 -17.02 -16.08
N SER E 105 18.32 -16.54 -17.25
CA SER E 105 19.27 -16.26 -18.33
C SER E 105 20.16 -15.04 -18.03
N ALA E 106 19.83 -14.26 -16.99
CA ALA E 106 20.66 -13.12 -16.65
C ALA E 106 21.81 -13.50 -15.73
N LEU E 107 21.85 -14.74 -15.24
CA LEU E 107 22.75 -15.09 -14.13
C LEU E 107 23.78 -16.14 -14.54
N LEU E 108 24.95 -16.10 -13.90
CA LEU E 108 25.91 -17.19 -13.87
C LEU E 108 26.20 -17.62 -12.43
N PRO E 109 26.40 -18.93 -12.13
CA PRO E 109 26.18 -20.03 -13.06
C PRO E 109 24.74 -20.22 -13.53
N THR E 110 24.59 -21.02 -14.59
CA THR E 110 23.27 -21.40 -15.09
C THR E 110 22.63 -22.35 -14.08
N ILE E 111 21.53 -21.90 -13.47
CA ILE E 111 20.80 -22.69 -12.50
C ILE E 111 20.10 -23.88 -13.20
N ARG F 4 6.23 8.14 -16.92
CA ARG F 4 7.05 7.10 -17.61
C ARG F 4 6.12 6.25 -18.47
N PRO F 5 5.56 6.80 -19.57
CA PRO F 5 4.53 6.09 -20.30
C PRO F 5 5.05 5.01 -21.24
N PHE F 6 6.35 4.90 -21.45
CA PHE F 6 6.86 3.97 -22.46
C PHE F 6 7.39 2.71 -21.78
N HIS F 7 6.88 1.55 -22.20
CA HIS F 7 7.14 0.33 -21.44
C HIS F 7 7.86 -0.69 -22.29
N CYS F 8 8.88 -1.33 -21.70
CA CYS F 8 9.58 -2.44 -22.34
C CYS F 8 8.69 -3.69 -22.32
N ASN F 9 8.43 -4.30 -23.47
CA ASN F 9 7.57 -5.46 -23.52
C ASN F 9 8.23 -6.75 -23.03
N GLN F 10 9.54 -6.74 -22.80
CA GLN F 10 10.26 -7.91 -22.29
C GLN F 10 10.37 -7.94 -20.76
N CYS F 11 10.44 -6.78 -20.08
CA CYS F 11 10.64 -6.79 -18.63
C CYS F 11 9.71 -5.86 -17.85
N GLY F 12 9.05 -4.92 -18.52
CA GLY F 12 8.14 -4.02 -17.84
C GLY F 12 8.78 -2.69 -17.46
N ALA F 13 10.06 -2.47 -17.82
CA ALA F 13 10.77 -1.23 -17.53
C ALA F 13 10.08 -0.07 -18.20
N SER F 14 9.94 1.06 -17.47
CA SER F 14 9.20 2.22 -17.94
C SER F 14 10.17 3.38 -18.15
N PHE F 15 9.84 4.25 -19.12
CA PHE F 15 10.69 5.38 -19.50
C PHE F 15 9.83 6.60 -19.76
N THR F 16 10.41 7.79 -19.47
CA THR F 16 9.82 9.06 -19.84
C THR F 16 10.07 9.32 -21.33
N GLN F 17 11.26 8.93 -21.81
CA GLN F 17 11.70 9.19 -23.17
C GLN F 17 11.65 7.89 -23.99
N LYS F 18 10.79 7.86 -25.02
CA LYS F 18 10.70 6.71 -25.92
C LYS F 18 12.06 6.38 -26.51
N GLY F 19 12.90 7.40 -26.77
CA GLY F 19 14.25 7.16 -27.25
C GLY F 19 15.06 6.26 -26.31
N ASN F 20 14.87 6.43 -25.00
CA ASN F 20 15.59 5.61 -24.02
C ASN F 20 15.01 4.19 -24.07
N LEU F 21 13.69 4.08 -24.25
CA LEU F 21 13.08 2.78 -24.38
C LEU F 21 13.72 2.01 -25.54
N LEU F 22 13.91 2.68 -26.68
CA LEU F 22 14.41 2.03 -27.88
C LEU F 22 15.80 1.45 -27.59
N ARG F 23 16.66 2.24 -26.93
CA ARG F 23 17.98 1.75 -26.56
C ARG F 23 17.89 0.56 -25.60
N HIS F 24 17.05 0.68 -24.57
CA HIS F 24 16.83 -0.39 -23.61
C HIS F 24 16.40 -1.69 -24.31
N ILE F 25 15.41 -1.60 -25.21
CA ILE F 25 15.00 -2.79 -25.93
C ILE F 25 16.18 -3.39 -26.69
N LYS F 26 16.97 -2.56 -27.35
CA LYS F 26 18.09 -3.07 -28.14
C LYS F 26 19.04 -3.86 -27.24
N LEU F 27 19.29 -3.36 -26.03
CA LEU F 27 20.24 -3.98 -25.12
C LEU F 27 19.79 -5.35 -24.62
N HIS F 28 18.50 -5.68 -24.72
CA HIS F 28 18.05 -7.04 -24.44
C HIS F 28 18.69 -8.09 -25.38
N SER F 29 19.26 -7.67 -26.52
CA SER F 29 19.89 -8.59 -27.46
C SER F 29 21.38 -8.82 -27.16
N SER G 3 41.18 14.16 -22.91
CA SER G 3 40.67 15.06 -21.85
C SER G 3 40.73 14.33 -20.50
N THR G 4 41.21 15.01 -19.44
CA THR G 4 41.38 14.34 -18.16
C THR G 4 40.00 13.94 -17.65
N SER G 5 39.90 12.71 -17.14
CA SER G 5 38.64 12.29 -16.58
C SER G 5 38.59 12.62 -15.08
N LEU G 6 37.37 12.81 -14.63
CA LEU G 6 37.06 12.97 -13.23
C LEU G 6 36.31 11.72 -12.79
N SER G 7 36.79 11.10 -11.71
CA SER G 7 36.31 9.82 -11.22
C SER G 7 35.73 9.95 -9.80
N CYS G 8 34.91 8.97 -9.40
CA CYS G 8 34.38 8.89 -8.05
C CYS G 8 35.53 8.73 -7.05
N LYS G 9 35.60 9.65 -6.08
CA LYS G 9 36.67 9.66 -5.11
C LYS G 9 36.55 8.48 -4.15
N GLN G 10 35.32 8.08 -3.86
CA GLN G 10 35.05 7.08 -2.85
C GLN G 10 35.49 5.68 -3.28
N CYS G 11 35.10 5.23 -4.48
CA CYS G 11 35.45 3.88 -4.96
C CYS G 11 36.59 3.92 -5.98
N GLN G 12 36.74 5.05 -6.66
CA GLN G 12 37.76 5.22 -7.69
C GLN G 12 37.59 4.22 -8.84
N GLU G 13 36.39 3.67 -9.04
CA GLU G 13 36.20 2.61 -10.02
C GLU G 13 35.45 3.16 -11.23
N THR G 14 35.03 4.42 -11.19
CA THR G 14 34.12 4.90 -12.22
C THR G 14 34.53 6.29 -12.67
N GLU G 15 34.60 6.48 -14.00
CA GLU G 15 34.79 7.79 -14.61
C GLU G 15 33.42 8.47 -14.74
N ILE G 16 33.31 9.70 -14.24
CA ILE G 16 32.03 10.38 -14.20
C ILE G 16 31.94 11.37 -15.36
N THR G 17 33.02 12.10 -15.63
CA THR G 17 33.01 13.05 -16.73
C THR G 17 34.46 13.30 -17.16
N THR G 18 34.63 14.22 -18.11
CA THR G 18 35.96 14.69 -18.48
C THR G 18 35.99 16.21 -18.40
N LYS G 19 37.20 16.78 -18.35
CA LYS G 19 37.35 18.22 -18.26
C LYS G 19 36.76 18.96 -19.47
N ASN G 20 36.75 18.30 -20.63
CA ASN G 20 36.19 18.91 -21.83
C ASN G 20 34.68 19.06 -21.72
N GLU G 21 34.02 18.54 -20.67
CA GLU G 21 32.58 18.76 -20.49
C GLU G 21 32.27 20.00 -19.65
N ILE G 22 33.29 20.62 -19.04
CA ILE G 22 33.07 21.72 -18.11
C ILE G 22 32.61 22.95 -18.90
N PHE G 23 31.57 23.61 -18.37
CA PHE G 23 31.14 24.88 -18.92
C PHE G 23 30.67 25.80 -17.79
N SER G 24 30.61 27.11 -18.05
CA SER G 24 30.02 28.05 -17.12
C SER G 24 28.57 28.35 -17.50
N LEU G 25 27.66 28.10 -16.56
CA LEU G 25 26.25 28.33 -16.78
C LEU G 25 25.93 29.79 -16.52
N SER G 26 26.60 30.40 -15.54
CA SER G 26 26.29 31.75 -15.09
C SER G 26 27.58 32.55 -14.93
N LEU G 27 27.48 33.67 -14.19
CA LEU G 27 28.55 34.63 -13.96
C LEU G 27 29.65 34.04 -13.07
N SER G 28 29.28 33.04 -12.26
CA SER G 28 30.13 32.55 -11.19
C SER G 28 31.09 31.47 -11.65
N GLY G 29 31.43 31.45 -12.95
CA GLY G 29 32.53 30.63 -13.45
C GLY G 29 32.01 29.21 -13.47
N PRO G 30 32.82 28.20 -13.84
CA PRO G 30 32.32 26.83 -13.96
C PRO G 30 32.13 26.10 -12.64
N MET G 31 32.74 26.61 -11.57
CA MET G 31 32.62 26.02 -10.24
C MET G 31 32.57 27.12 -9.20
N ALA G 32 31.62 27.01 -8.29
CA ALA G 32 31.50 28.00 -7.23
C ALA G 32 30.82 27.30 -6.05
N ALA G 33 30.87 27.93 -4.88
CA ALA G 33 30.24 27.40 -3.68
C ALA G 33 28.79 27.81 -3.64
N TYR G 34 27.89 26.84 -3.39
CA TYR G 34 26.48 27.08 -3.20
C TYR G 34 26.08 26.50 -1.85
N VAL G 35 25.11 27.16 -1.23
CA VAL G 35 24.63 26.82 0.10
C VAL G 35 23.29 26.11 -0.02
N ASN G 36 23.17 24.92 0.58
CA ASN G 36 21.92 24.15 0.51
C ASN G 36 21.00 24.65 1.62
N PRO G 37 19.74 24.16 1.74
CA PRO G 37 18.78 24.70 2.70
C PRO G 37 19.13 24.53 4.17
N HIS G 38 20.11 23.66 4.45
CA HIS G 38 20.39 23.29 5.82
C HIS G 38 21.77 23.75 6.25
N GLY G 39 22.47 24.49 5.37
CA GLY G 39 23.78 25.03 5.68
C GLY G 39 24.96 24.19 5.20
N TYR G 40 24.73 23.21 4.31
CA TYR G 40 25.83 22.46 3.69
C TYR G 40 26.26 23.20 2.44
N VAL G 41 27.58 23.41 2.31
CA VAL G 41 28.14 24.16 1.19
C VAL G 41 28.83 23.21 0.20
N HIS G 42 28.36 23.28 -1.04
CA HIS G 42 28.82 22.42 -2.11
C HIS G 42 29.48 23.26 -3.19
N GLU G 43 30.78 23.08 -3.37
CA GLU G 43 31.46 23.61 -4.54
C GLU G 43 31.06 22.73 -5.71
N THR G 44 30.22 23.29 -6.58
CA THR G 44 29.56 22.57 -7.65
C THR G 44 30.13 22.98 -9.00
N LEU G 45 30.66 21.98 -9.71
CA LEU G 45 31.15 22.09 -11.08
C LEU G 45 30.04 21.72 -12.06
N THR G 46 29.78 22.57 -13.08
CA THR G 46 28.75 22.25 -14.08
C THR G 46 29.39 21.62 -15.32
N VAL G 47 28.83 20.49 -15.75
CA VAL G 47 29.33 19.76 -16.91
C VAL G 47 28.12 19.36 -17.75
N TYR G 48 28.33 19.28 -19.07
CA TYR G 48 27.24 19.03 -20.01
C TYR G 48 26.79 17.56 -19.89
N LYS G 49 27.73 16.63 -19.83
CA LYS G 49 27.42 15.20 -19.83
C LYS G 49 28.23 14.52 -18.75
N ALA G 50 27.61 13.50 -18.16
CA ALA G 50 28.22 12.66 -17.14
C ALA G 50 27.80 11.20 -17.37
N SER G 51 28.62 10.26 -16.92
CA SER G 51 28.36 8.85 -17.10
C SER G 51 28.44 8.16 -15.74
N ASN G 52 27.84 6.97 -15.63
CA ASN G 52 28.09 6.07 -14.52
C ASN G 52 27.38 6.57 -13.26
N LEU G 53 26.33 7.36 -13.45
CA LEU G 53 25.58 7.91 -12.33
C LEU G 53 24.20 7.28 -12.35
N ASN G 54 23.61 7.11 -11.16
CA ASN G 54 22.23 6.70 -11.00
C ASN G 54 21.47 7.82 -10.30
N LEU G 55 20.21 7.96 -10.67
CA LEU G 55 19.36 9.04 -10.19
C LEU G 55 18.42 8.52 -9.12
N ILE G 56 18.26 9.30 -8.06
CA ILE G 56 17.41 9.00 -6.92
C ILE G 56 16.23 9.96 -6.96
N GLY G 57 15.00 9.41 -7.03
CA GLY G 57 13.79 10.21 -6.87
C GLY G 57 13.41 10.92 -8.16
N ARG G 58 12.65 12.01 -8.00
CA ARG G 58 12.14 12.78 -9.12
C ARG G 58 12.75 14.16 -9.07
N PRO G 59 12.65 14.95 -10.15
CA PRO G 59 13.20 16.30 -10.14
C PRO G 59 12.49 17.22 -9.16
N SER G 60 13.21 18.18 -8.61
CA SER G 60 12.63 19.18 -7.73
C SER G 60 13.23 20.54 -8.06
N THR G 61 12.42 21.60 -7.94
CA THR G 61 12.92 22.95 -8.09
C THR G 61 13.25 23.58 -6.74
N GLU G 62 13.12 22.85 -5.62
CA GLU G 62 13.28 23.45 -4.31
C GLU G 62 14.70 23.96 -4.09
N HIS G 63 14.82 25.25 -3.78
CA HIS G 63 16.10 25.86 -3.47
C HIS G 63 17.11 25.64 -4.60
N SER G 64 16.63 25.60 -5.85
CA SER G 64 17.50 25.37 -6.99
C SER G 64 18.51 26.51 -7.12
N TRP G 65 19.78 26.13 -7.26
CA TRP G 65 20.85 27.11 -7.40
C TRP G 65 20.85 27.74 -8.80
N PHE G 66 20.13 27.12 -9.74
CA PHE G 66 20.13 27.49 -11.15
C PHE G 66 18.68 27.73 -11.55
N PRO G 67 18.15 28.96 -11.39
CA PRO G 67 16.75 29.23 -11.65
C PRO G 67 16.36 28.80 -13.06
N GLY G 68 15.20 28.14 -13.19
CA GLY G 68 14.80 27.57 -14.46
C GLY G 68 15.04 26.07 -14.52
N TYR G 69 15.83 25.52 -13.59
CA TYR G 69 16.19 24.12 -13.61
C TYR G 69 15.76 23.44 -12.33
N ALA G 70 15.35 22.18 -12.47
CA ALA G 70 15.06 21.28 -11.37
C ALA G 70 16.24 20.34 -11.16
N TRP G 71 16.46 19.90 -9.92
CA TRP G 71 17.54 18.97 -9.62
C TRP G 71 17.02 17.57 -9.35
N THR G 72 17.86 16.57 -9.66
CA THR G 72 17.65 15.19 -9.29
C THR G 72 18.97 14.67 -8.74
N VAL G 73 18.93 14.05 -7.56
CA VAL G 73 20.15 13.56 -6.91
C VAL G 73 20.81 12.48 -7.73
N ALA G 74 22.14 12.57 -7.85
CA ALA G 74 22.93 11.65 -8.63
C ALA G 74 24.01 10.98 -7.77
N GLN G 75 24.11 9.65 -7.88
CA GLN G 75 24.99 8.82 -7.08
C GLN G 75 25.84 7.96 -8.00
N CYS G 76 27.06 7.64 -7.54
CA CYS G 76 27.94 6.71 -8.21
C CYS G 76 27.24 5.37 -8.40
N LYS G 77 27.31 4.80 -9.60
CA LYS G 77 26.56 3.58 -9.85
C LYS G 77 27.12 2.41 -9.06
N ILE G 78 28.42 2.47 -8.72
CA ILE G 78 29.11 1.37 -8.05
C ILE G 78 28.92 1.42 -6.54
N CYS G 79 29.25 2.57 -5.92
CA CYS G 79 29.33 2.66 -4.47
C CYS G 79 28.18 3.47 -3.87
N ALA G 80 27.33 4.09 -4.70
CA ALA G 80 26.18 4.85 -4.26
C ALA G 80 26.56 6.14 -3.53
N SER G 81 27.81 6.56 -3.60
CA SER G 81 28.17 7.85 -3.00
C SER G 81 27.50 8.99 -3.74
N HIS G 82 27.11 10.02 -3.00
CA HIS G 82 26.61 11.25 -3.59
C HIS G 82 27.67 11.95 -4.45
N ILE G 83 27.37 12.18 -5.73
CA ILE G 83 28.30 12.85 -6.63
C ILE G 83 27.81 14.26 -6.95
N GLY G 84 26.49 14.46 -7.02
CA GLY G 84 25.93 15.75 -7.36
C GLY G 84 24.45 15.63 -7.74
N TRP G 85 24.08 16.39 -8.78
CA TRP G 85 22.71 16.39 -9.25
C TRP G 85 22.68 16.54 -10.77
N LYS G 86 21.64 15.93 -11.37
CA LYS G 86 21.24 16.24 -12.72
C LYS G 86 20.29 17.43 -12.65
N PHE G 87 20.54 18.39 -13.55
CA PHE G 87 19.67 19.54 -13.67
C PHE G 87 18.92 19.45 -15.00
N THR G 88 17.60 19.65 -14.94
CA THR G 88 16.73 19.59 -16.10
C THR G 88 15.85 20.83 -16.18
N ALA G 89 15.80 21.41 -17.39
CA ALA G 89 15.11 22.66 -17.63
C ALA G 89 13.62 22.49 -17.30
N THR G 90 12.98 23.52 -16.74
CA THR G 90 11.55 23.42 -16.45
C THR G 90 10.77 24.21 -17.50
N LYS G 91 11.48 24.83 -18.46
CA LYS G 91 10.89 25.59 -19.55
C LYS G 91 11.64 25.27 -20.83
N LYS G 92 10.93 25.21 -21.98
CA LYS G 92 11.52 24.77 -23.24
C LYS G 92 12.52 25.80 -23.80
N ASP G 93 12.46 27.06 -23.35
CA ASP G 93 13.32 28.11 -23.86
C ASP G 93 14.77 28.00 -23.36
N MET G 94 15.06 27.12 -22.40
CA MET G 94 16.34 27.18 -21.71
C MET G 94 17.38 26.37 -22.46
N SER G 95 18.62 26.80 -22.38
CA SER G 95 19.71 26.07 -23.00
C SER G 95 20.94 26.10 -22.12
N PRO G 96 21.59 24.95 -21.80
CA PRO G 96 21.16 23.64 -22.25
C PRO G 96 19.91 23.16 -21.52
N GLN G 97 19.24 22.16 -22.10
CA GLN G 97 18.05 21.56 -21.53
C GLN G 97 18.40 20.74 -20.30
N LYS G 98 19.64 20.25 -20.25
CA LYS G 98 20.08 19.52 -19.08
C LYS G 98 21.59 19.63 -18.97
N PHE G 99 22.06 19.46 -17.73
CA PHE G 99 23.47 19.42 -17.41
C PHE G 99 23.60 18.73 -16.05
N TRP G 100 24.83 18.61 -15.58
CA TRP G 100 25.10 18.00 -14.27
C TRP G 100 25.89 19.00 -13.43
N GLY G 101 25.55 19.05 -12.16
CA GLY G 101 26.36 19.76 -11.17
C GLY G 101 26.98 18.74 -10.21
N LEU G 102 28.31 18.71 -10.20
CA LEU G 102 29.06 17.72 -9.45
C LEU G 102 29.79 18.40 -8.32
N THR G 103 29.70 17.78 -7.13
CA THR G 103 30.22 18.39 -5.92
C THR G 103 31.69 18.01 -5.84
N ARG G 104 32.52 19.03 -5.61
CA ARG G 104 33.94 18.93 -5.84
C ARG G 104 34.57 17.82 -5.00
N SER G 105 34.10 17.67 -3.77
CA SER G 105 34.75 16.78 -2.83
C SER G 105 34.43 15.33 -3.16
N ALA G 106 33.51 15.09 -4.12
CA ALA G 106 33.18 13.73 -4.49
C ALA G 106 34.09 13.19 -5.60
N LEU G 107 34.98 14.03 -6.14
CA LEU G 107 35.68 13.69 -7.38
C LEU G 107 37.20 13.67 -7.21
N LEU G 108 37.85 12.84 -8.03
CA LEU G 108 39.29 12.87 -8.29
C LEU G 108 39.56 13.05 -9.78
N PRO G 109 40.66 13.74 -10.17
CA PRO G 109 41.50 14.52 -9.25
C PRO G 109 40.82 15.77 -8.68
N THR G 110 41.46 16.41 -7.69
CA THR G 110 40.91 17.58 -7.03
C THR G 110 40.96 18.77 -7.99
N ILE G 111 39.78 19.27 -8.36
CA ILE G 111 39.61 20.36 -9.32
C ILE G 111 39.94 21.70 -8.64
N ARG H 4 7.83 9.23 -0.54
CA ARG H 4 9.23 9.52 -0.13
C ARG H 4 9.21 10.73 0.81
N PRO H 5 8.65 10.59 2.03
CA PRO H 5 8.59 11.69 2.97
C PRO H 5 9.91 12.01 3.67
N PHE H 6 10.94 11.17 3.53
CA PHE H 6 12.16 11.38 4.33
C PHE H 6 13.28 11.91 3.45
N HIS H 7 13.99 12.95 3.91
CA HIS H 7 14.97 13.62 3.07
C HIS H 7 16.33 13.73 3.73
N CYS H 8 17.41 13.52 2.96
CA CYS H 8 18.76 13.77 3.44
C CYS H 8 19.03 15.28 3.43
N ASN H 9 19.43 15.84 4.58
CA ASN H 9 19.68 17.26 4.66
C ASN H 9 21.00 17.68 4.01
N GLN H 10 21.88 16.74 3.66
CA GLN H 10 23.11 17.08 2.94
C GLN H 10 22.96 17.10 1.41
N CYS H 11 22.10 16.27 0.80
CA CYS H 11 22.06 16.20 -0.66
C CYS H 11 20.64 16.25 -1.22
N GLY H 12 19.61 16.11 -0.38
CA GLY H 12 18.24 16.11 -0.86
C GLY H 12 17.75 14.71 -1.29
N ALA H 13 18.51 13.65 -1.10
CA ALA H 13 18.01 12.30 -1.38
C ALA H 13 16.76 12.02 -0.56
N SER H 14 15.76 11.36 -1.19
CA SER H 14 14.47 11.08 -0.58
C SER H 14 14.28 9.57 -0.40
N PHE H 15 13.55 9.21 0.67
CA PHE H 15 13.37 7.81 1.08
C PHE H 15 11.93 7.59 1.50
N THR H 16 11.43 6.37 1.24
CA THR H 16 10.17 5.85 1.80
C THR H 16 10.38 5.38 3.23
N GLN H 17 11.49 4.69 3.47
CA GLN H 17 11.81 4.13 4.78
C GLN H 17 12.77 5.04 5.53
N LYS H 18 12.38 5.55 6.70
CA LYS H 18 13.29 6.35 7.51
C LYS H 18 14.60 5.60 7.80
N GLY H 19 14.54 4.27 7.99
CA GLY H 19 15.73 3.49 8.28
C GLY H 19 16.77 3.58 7.19
N ASN H 20 16.32 3.73 5.94
CA ASN H 20 17.25 3.82 4.82
C ASN H 20 17.87 5.21 4.83
N LEU H 21 17.09 6.22 5.22
CA LEU H 21 17.61 7.57 5.36
C LEU H 21 18.75 7.59 6.37
N LEU H 22 18.57 6.91 7.51
CA LEU H 22 19.58 6.89 8.57
C LEU H 22 20.87 6.28 8.02
N ARG H 23 20.77 5.18 7.25
CA ARG H 23 22.00 4.59 6.75
C ARG H 23 22.69 5.51 5.73
N HIS H 24 21.91 6.09 4.82
CA HIS H 24 22.41 7.04 3.85
C HIS H 24 23.13 8.22 4.50
N ILE H 25 22.54 8.82 5.57
CA ILE H 25 23.17 9.95 6.25
C ILE H 25 24.53 9.53 6.79
N LYS H 26 24.58 8.32 7.37
CA LYS H 26 25.82 7.84 7.94
C LYS H 26 26.89 7.70 6.85
N LEU H 27 26.51 7.21 5.67
CA LEU H 27 27.48 7.03 4.60
C LEU H 27 28.09 8.36 4.13
N HIS H 28 27.44 9.51 4.35
CA HIS H 28 28.08 10.79 4.04
C HIS H 28 29.36 11.02 4.88
N SER H 29 29.46 10.37 6.04
CA SER H 29 30.74 10.06 6.67
C SER H 29 31.28 8.75 6.06
#